data_2EJN
#
_entry.id   2EJN
#
_cell.length_a   38.588
_cell.length_b   42.996
_cell.length_c   48.906
_cell.angle_alpha   70.80
_cell.angle_beta   80.56
_cell.angle_gamma   81.53
#
_symmetry.space_group_name_H-M   'P 1'
#
loop_
_entity.id
_entity.type
_entity.pdbx_description
1 polymer 'Major allergen I polypeptide chain 1, chain 2'
2 non-polymer 'CALCIUM ION'
3 water water
#
_entity_poly.entity_id   1
_entity_poly.type   'polypeptide(L)'
_entity_poly.pdbx_seq_one_letter_code
;MEICPAVKRDVDLFLTGTPDEYVEQVAQYKALPVVLENARILKNCVDAKMTEEDKENALSLLDKIYTSPLCVKMAETCPI
FYDVFFAVANGNELLLDLSLTKVNATEPERTAMKKIQDCYVENGLISRVLDGLVMTTISSSKDCMGEHHHHHH
;
_entity_poly.pdbx_strand_id   A,B
#
# COMPACT_ATOMS: atom_id res chain seq x y z
N MET A 1 0.09 -12.82 13.84
CA MET A 1 1.51 -12.87 14.30
C MET A 1 2.06 -11.47 14.59
N GLU A 2 3.09 -11.39 15.43
CA GLU A 2 3.68 -10.11 15.81
C GLU A 2 4.10 -9.35 14.56
N ILE A 3 4.02 -8.03 14.63
CA ILE A 3 4.51 -7.15 13.58
C ILE A 3 6.01 -7.32 13.34
N CYS A 4 6.42 -7.13 12.09
CA CYS A 4 7.83 -7.08 11.77
C CYS A 4 8.47 -5.90 12.53
N PRO A 5 9.58 -6.15 13.26
CA PRO A 5 10.26 -5.05 13.98
C PRO A 5 10.61 -3.84 13.10
N ALA A 6 10.96 -4.08 11.81
CA ALA A 6 11.30 -2.97 10.89
C ALA A 6 10.11 -2.03 10.68
N VAL A 7 8.90 -2.60 10.77
CA VAL A 7 7.66 -1.83 10.59
C VAL A 7 7.42 -0.99 11.84
N LYS A 8 7.48 -1.62 13.01
CA LYS A 8 7.38 -0.89 14.26
C LYS A 8 8.45 0.25 14.32
N ARG A 9 9.68 -0.05 13.98
CA ARG A 9 10.72 0.98 13.89
C ARG A 9 10.37 2.17 12.98
N ASP A 10 9.81 1.87 11.81
CA ASP A 10 9.46 2.91 10.85
C ASP A 10 8.41 3.83 11.48
N VAL A 11 7.41 3.25 12.14
CA VAL A 11 6.37 4.09 12.76
C VAL A 11 6.88 4.88 13.97
N ASP A 12 7.77 4.26 14.73
CA ASP A 12 8.38 4.94 15.87
C ASP A 12 9.17 6.18 15.40
N LEU A 13 10.02 6.00 14.40
CA LEU A 13 10.79 7.11 13.80
C LEU A 13 9.90 8.20 13.20
N PHE A 14 8.86 7.76 12.51
CA PHE A 14 7.87 8.66 11.96
C PHE A 14 7.36 9.61 13.07
N LEU A 15 7.04 9.04 14.23
CA LEU A 15 6.49 9.84 15.32
C LEU A 15 7.56 10.56 16.15
N THR A 16 8.69 9.91 16.41
CA THR A 16 9.64 10.40 17.43
C THR A 16 10.99 10.85 16.89
N GLY A 17 11.31 10.47 15.66
CA GLY A 17 12.55 10.88 15.04
C GLY A 17 12.51 12.32 14.60
N THR A 18 13.68 12.85 14.25
CA THR A 18 13.71 14.12 13.56
C THR A 18 13.22 13.88 12.12
N PRO A 19 12.80 14.96 11.43
CA PRO A 19 12.49 14.84 10.00
C PRO A 19 13.59 14.13 9.19
N ASP A 20 14.83 14.58 9.34
CA ASP A 20 15.94 13.89 8.66
C ASP A 20 16.05 12.41 9.01
N GLU A 21 15.94 12.06 10.29
CA GLU A 21 16.02 10.64 10.67
C GLU A 21 14.93 9.79 10.00
N TYR A 22 13.71 10.32 9.99
CA TYR A 22 12.60 9.63 9.34
C TYR A 22 12.81 9.50 7.82
N VAL A 23 13.02 10.63 7.15
CA VAL A 23 13.13 10.65 5.67
C VAL A 23 14.31 9.79 5.16
N GLU A 24 15.43 9.86 5.87
CA GLU A 24 16.55 9.01 5.52
C GLU A 24 16.22 7.53 5.70
N GLN A 25 15.44 7.20 6.74
CA GLN A 25 15.01 5.82 6.93
C GLN A 25 14.12 5.37 5.78
N VAL A 26 13.23 6.26 5.36
CA VAL A 26 12.37 5.98 4.19
C VAL A 26 13.24 5.74 2.96
N ALA A 27 14.23 6.61 2.76
CA ALA A 27 15.13 6.52 1.61
C ALA A 27 15.88 5.17 1.54
N GLN A 28 16.12 4.53 2.68
CA GLN A 28 16.75 3.21 2.70
C GLN A 28 15.89 2.14 2.01
N TYR A 29 14.57 2.36 2.01
CA TYR A 29 13.64 1.41 1.38
C TYR A 29 13.21 1.82 -0.02
N LYS A 30 13.07 3.14 -0.23
CA LYS A 30 12.52 3.65 -1.47
C LYS A 30 13.04 5.06 -1.71
N ALA A 31 13.96 5.16 -2.65
CA ALA A 31 14.65 6.43 -2.81
C ALA A 31 14.11 7.20 -4.02
N LEU A 32 12.82 7.08 -4.31
CA LEU A 32 12.22 7.87 -5.39
C LEU A 32 12.08 9.28 -4.88
N PRO A 33 12.50 10.28 -5.68
CA PRO A 33 12.42 11.66 -5.20
C PRO A 33 11.02 12.03 -4.71
N VAL A 34 9.99 11.64 -5.44
CA VAL A 34 8.62 11.99 -5.05
C VAL A 34 8.23 11.39 -3.70
N VAL A 35 8.67 10.16 -3.43
CA VAL A 35 8.38 9.48 -2.16
C VAL A 35 9.04 10.23 -0.99
N LEU A 36 10.30 10.63 -1.18
CA LEU A 36 11.04 11.36 -0.14
C LEU A 36 10.41 12.74 0.11
N GLU A 37 10.04 13.41 -0.97
CA GLU A 37 9.40 14.71 -0.89
C GLU A 37 8.10 14.63 -0.11
N ASN A 38 7.26 13.65 -0.46
CA ASN A 38 5.97 13.42 0.23
C ASN A 38 6.15 12.98 1.69
N ALA A 39 7.19 12.18 1.95
CA ALA A 39 7.49 11.73 3.30
C ALA A 39 7.81 12.95 4.18
N ARG A 40 8.59 13.89 3.65
CA ARG A 40 8.95 15.08 4.45
C ARG A 40 7.76 15.99 4.71
N ILE A 41 6.89 16.16 3.71
CA ILE A 41 5.66 16.96 3.91
C ILE A 41 4.86 16.34 5.05
N LEU A 42 4.62 15.04 4.94
CA LEU A 42 3.88 14.33 5.97
C LEU A 42 4.50 14.44 7.38
N LYS A 43 5.80 14.20 7.47
CA LYS A 43 6.53 14.27 8.73
C LYS A 43 6.50 15.68 9.33
N ASN A 44 6.74 16.70 8.51
CA ASN A 44 6.66 18.08 9.00
C ASN A 44 5.24 18.38 9.54
N CYS A 45 4.22 17.89 8.83
CA CYS A 45 2.84 18.04 9.28
C CYS A 45 2.60 17.37 10.63
N VAL A 46 3.01 16.10 10.79
CA VAL A 46 2.74 15.43 12.07
C VAL A 46 3.46 16.10 13.27
N ASP A 47 4.69 16.56 13.04
CA ASP A 47 5.45 17.24 14.09
C ASP A 47 4.74 18.54 14.48
N ALA A 48 4.21 19.26 13.50
CA ALA A 48 3.58 20.58 13.78
C ALA A 48 2.20 20.41 14.41
N LYS A 49 1.46 19.40 13.96
CA LYS A 49 0.07 19.17 14.35
C LYS A 49 -0.06 18.43 15.68
N MET A 50 0.93 17.60 15.99
CA MET A 50 0.87 16.78 17.22
C MET A 50 1.75 17.33 18.34
N THR A 51 1.16 17.45 19.53
CA THR A 51 1.92 17.78 20.73
C THR A 51 2.68 16.57 21.24
N GLU A 52 3.52 16.78 22.27
CA GLU A 52 4.14 15.65 22.96
C GLU A 52 3.10 14.69 23.52
N GLU A 53 2.01 15.22 24.07
CA GLU A 53 0.94 14.39 24.61
C GLU A 53 0.30 13.57 23.49
N ASP A 54 0.00 14.24 22.37
CA ASP A 54 -0.52 13.57 21.18
C ASP A 54 0.39 12.41 20.76
N LYS A 55 1.70 12.65 20.68
CA LYS A 55 2.65 11.57 20.30
C LYS A 55 2.64 10.44 21.31
N GLU A 56 2.66 10.78 22.60
CA GLU A 56 2.55 9.79 23.66
C GLU A 56 1.29 8.93 23.49
N ASN A 57 0.17 9.57 23.16
CA ASN A 57 -1.09 8.83 22.96
C ASN A 57 -1.11 7.95 21.70
N ALA A 58 -0.50 8.45 20.62
CA ALA A 58 -0.27 7.61 19.42
C ALA A 58 0.53 6.36 19.75
N LEU A 59 1.59 6.53 20.54
CA LEU A 59 2.47 5.44 20.89
C LEU A 59 1.76 4.42 21.78
N SER A 60 0.94 4.90 22.72
CA SER A 60 0.20 3.97 23.59
C SER A 60 -0.85 3.19 22.79
N LEU A 61 -1.49 3.85 21.84
CA LEU A 61 -2.42 3.19 20.96
C LEU A 61 -1.72 2.13 20.12
N LEU A 62 -0.56 2.49 19.57
CA LEU A 62 0.17 1.53 18.77
C LEU A 62 0.55 0.32 19.61
N ASP A 63 0.93 0.55 20.88
CA ASP A 63 1.26 -0.56 21.75
C ASP A 63 0.05 -1.47 21.92
N LYS A 64 -1.14 -0.88 22.00
CA LYS A 64 -2.40 -1.65 22.08
C LYS A 64 -2.62 -2.52 20.83
N ILE A 65 -2.25 -1.97 19.68
CA ILE A 65 -2.34 -2.70 18.42
C ILE A 65 -1.37 -3.87 18.42
N TYR A 66 -0.09 -3.60 18.70
CA TYR A 66 0.95 -4.63 18.61
C TYR A 66 0.76 -5.79 19.59
N THR A 67 0.02 -5.55 20.66
CA THR A 67 -0.23 -6.57 21.69
C THR A 67 -1.66 -7.18 21.59
N SER A 68 -2.45 -6.72 20.62
CA SER A 68 -3.84 -7.19 20.49
C SER A 68 -3.87 -8.63 19.97
N PRO A 69 -4.82 -9.46 20.44
CA PRO A 69 -5.03 -10.77 19.82
C PRO A 69 -5.30 -10.65 18.32
N LEU A 70 -5.93 -9.56 17.91
CA LEU A 70 -6.24 -9.31 16.49
C LEU A 70 -5.01 -8.97 15.65
N CYS A 71 -3.89 -8.79 16.36
CA CYS A 71 -2.58 -8.66 15.76
C CYS A 71 -1.85 -9.99 15.92
N VAL A 72 -1.61 -10.35 17.17
CA VAL A 72 -0.71 -11.47 17.51
C VAL A 72 -1.22 -12.87 17.21
N LYS A 73 -2.50 -13.10 17.47
CA LYS A 73 -3.04 -14.46 17.40
C LYS A 73 -3.44 -14.88 15.99
N MET A 74 -3.44 -13.91 15.07
CA MET A 74 -3.82 -14.20 13.68
C MET A 74 -2.74 -14.95 12.93
N ALA A 75 -3.14 -15.61 11.85
CA ALA A 75 -2.21 -16.46 11.10
C ALA A 75 -1.11 -15.67 10.39
N GLU A 76 -1.44 -14.47 9.94
CA GLU A 76 -0.50 -13.64 9.17
C GLU A 76 -0.04 -12.47 10.03
N THR A 77 0.94 -11.70 9.52
CA THR A 77 1.48 -10.57 10.28
C THR A 77 0.43 -9.50 10.66
N CYS A 78 0.35 -9.24 11.96
CA CYS A 78 -0.40 -8.14 12.59
C CYS A 78 -1.49 -7.45 11.74
N PRO A 79 -2.56 -8.19 11.40
CA PRO A 79 -3.53 -7.68 10.41
C PRO A 79 -4.19 -6.37 10.85
N ILE A 80 -4.51 -6.24 12.13
CA ILE A 80 -5.19 -5.03 12.63
C ILE A 80 -4.29 -3.77 12.47
N PHE A 81 -2.97 -3.95 12.54
CA PHE A 81 -2.08 -2.82 12.27
C PHE A 81 -2.30 -2.28 10.86
N TYR A 82 -2.26 -3.19 9.90
CA TYR A 82 -2.38 -2.79 8.52
C TYR A 82 -3.73 -2.13 8.23
N ASP A 83 -4.80 -2.65 8.84
CA ASP A 83 -6.12 -2.04 8.72
C ASP A 83 -6.07 -0.60 9.20
N VAL A 84 -5.50 -0.40 10.39
CA VAL A 84 -5.40 0.96 10.94
C VAL A 84 -4.49 1.84 10.09
N PHE A 85 -3.31 1.31 9.76
CA PHE A 85 -2.33 2.13 9.04
C PHE A 85 -2.90 2.63 7.70
N PHE A 86 -3.48 1.73 6.93
CA PHE A 86 -4.08 2.11 5.63
C PHE A 86 -5.36 2.93 5.69
N ALA A 87 -6.13 2.77 6.76
CA ALA A 87 -7.25 3.68 7.00
C ALA A 87 -6.73 5.11 7.25
N VAL A 88 -5.68 5.21 8.05
CA VAL A 88 -5.03 6.51 8.32
C VAL A 88 -4.52 7.15 7.02
N ALA A 89 -3.76 6.37 6.24
CA ALA A 89 -3.02 6.91 5.10
C ALA A 89 -3.92 7.32 3.95
N ASN A 90 -5.11 6.73 3.90
CA ASN A 90 -5.99 6.99 2.76
C ASN A 90 -7.26 7.74 3.16
N GLY A 91 -7.21 8.28 4.37
CA GLY A 91 -8.29 9.10 4.92
C GLY A 91 -9.65 8.46 5.11
N ASN A 92 -9.70 7.13 5.30
CA ASN A 92 -10.96 6.46 5.65
C ASN A 92 -11.25 6.61 7.16
N GLU A 93 -12.03 7.64 7.51
CA GLU A 93 -12.37 7.89 8.91
C GLU A 93 -13.24 6.79 9.54
N LEU A 94 -14.10 6.18 8.73
CA LEU A 94 -15.06 5.18 9.20
C LEU A 94 -14.31 3.92 9.63
N LEU A 95 -13.45 3.42 8.74
CA LEU A 95 -12.68 2.22 9.05
C LEU A 95 -11.69 2.48 10.18
N LEU A 96 -11.14 3.70 10.24
CA LEU A 96 -10.22 4.03 11.34
C LEU A 96 -10.96 3.90 12.66
N ASP A 97 -12.13 4.52 12.75
CA ASP A 97 -12.89 4.47 13.98
C ASP A 97 -13.26 3.04 14.39
N LEU A 98 -13.75 2.27 13.43
CA LEU A 98 -14.13 0.88 13.69
C LEU A 98 -12.93 0.12 14.21
N SER A 99 -11.78 0.30 13.56
CA SER A 99 -10.57 -0.44 13.90
C SER A 99 -10.04 -0.02 15.27
N LEU A 100 -10.06 1.29 15.57
CA LEU A 100 -9.62 1.74 16.89
C LEU A 100 -10.50 1.18 18.03
N THR A 101 -11.80 1.04 17.75
CA THR A 101 -12.73 0.42 18.73
C THR A 101 -12.33 -1.04 19.04
N LYS A 102 -11.87 -1.76 18.01
CA LYS A 102 -11.45 -3.16 18.17
C LYS A 102 -10.25 -3.34 19.11
N VAL A 103 -9.47 -2.27 19.32
CA VAL A 103 -8.30 -2.31 20.21
C VAL A 103 -8.49 -1.44 21.47
N ASN A 104 -9.75 -1.08 21.75
CA ASN A 104 -10.11 -0.33 22.97
C ASN A 104 -9.37 1.01 23.11
N ALA A 105 -9.28 1.75 22.01
CA ALA A 105 -8.66 3.06 22.02
C ALA A 105 -9.36 3.97 23.03
N THR A 106 -8.59 4.79 23.75
CA THR A 106 -9.17 5.87 24.55
C THR A 106 -9.51 7.05 23.61
N GLU A 107 -10.28 8.02 24.10
CA GLU A 107 -10.56 9.19 23.29
C GLU A 107 -9.28 9.98 22.92
N PRO A 108 -8.36 10.19 23.88
CA PRO A 108 -7.11 10.88 23.52
C PRO A 108 -6.31 10.13 22.45
N GLU A 109 -6.33 8.80 22.53
CA GLU A 109 -5.69 7.95 21.52
C GLU A 109 -6.35 8.14 20.15
N ARG A 110 -7.68 8.14 20.13
CA ARG A 110 -8.44 8.37 18.91
C ARG A 110 -8.11 9.77 18.31
N THR A 111 -8.10 10.79 19.15
CA THR A 111 -7.78 12.16 18.74
C THR A 111 -6.39 12.21 18.09
N ALA A 112 -5.41 11.58 18.74
CA ALA A 112 -4.03 11.53 18.22
C ALA A 112 -3.97 10.90 16.82
N MET A 113 -4.58 9.72 16.67
CA MET A 113 -4.58 9.01 15.40
C MET A 113 -5.28 9.81 14.30
N LYS A 114 -6.33 10.55 14.66
CA LYS A 114 -7.06 11.33 13.67
C LYS A 114 -6.24 12.51 13.16
N LYS A 115 -5.38 13.06 14.01
CA LYS A 115 -4.43 14.11 13.60
C LYS A 115 -3.46 13.59 12.55
N ILE A 116 -3.00 12.34 12.70
CA ILE A 116 -2.12 11.76 11.69
C ILE A 116 -2.91 11.61 10.37
N GLN A 117 -4.15 11.12 10.46
CA GLN A 117 -5.00 10.96 9.28
C GLN A 117 -5.22 12.32 8.59
N ASP A 118 -5.47 13.34 9.39
CA ASP A 118 -5.58 14.72 8.88
C ASP A 118 -4.37 15.18 8.09
N CYS A 119 -3.17 14.81 8.53
CA CYS A 119 -1.96 15.19 7.81
C CYS A 119 -1.91 14.56 6.41
N TYR A 120 -2.42 13.34 6.26
CA TYR A 120 -2.57 12.74 4.93
C TYR A 120 -3.61 13.49 4.12
N VAL A 121 -4.78 13.71 4.72
CA VAL A 121 -5.94 14.30 4.03
C VAL A 121 -5.72 15.78 3.61
N GLU A 122 -5.28 16.60 4.56
CA GLU A 122 -5.19 18.06 4.34
C GLU A 122 -4.07 18.47 3.38
N ASN A 123 -3.06 17.62 3.28
CA ASN A 123 -1.95 17.85 2.36
C ASN A 123 -2.13 17.15 1.00
N GLY A 124 -3.33 16.60 0.81
CA GLY A 124 -3.70 15.96 -0.46
C GLY A 124 -2.92 14.68 -0.76
N LEU A 125 -2.41 14.03 0.29
CA LEU A 125 -1.55 12.86 0.11
C LEU A 125 -2.30 11.53 -0.02
N ILE A 126 -3.63 11.57 0.00
CA ILE A 126 -4.41 10.34 -0.20
C ILE A 126 -4.18 9.75 -1.59
N SER A 127 -4.17 10.59 -2.62
CA SER A 127 -3.98 10.12 -4.00
C SER A 127 -2.54 10.37 -4.46
N ARG A 128 -1.61 10.26 -3.52
CA ARG A 128 -0.21 10.39 -3.85
C ARG A 128 0.56 9.14 -3.48
N VAL A 129 1.64 8.93 -4.22
CA VAL A 129 2.48 7.76 -4.01
C VAL A 129 3.32 8.00 -2.76
N LEU A 130 3.09 7.15 -1.77
CA LEU A 130 3.74 7.31 -0.49
C LEU A 130 3.73 5.99 0.29
N ASP A 131 2.80 5.86 1.22
CA ASP A 131 2.92 4.82 2.24
C ASP A 131 2.33 3.46 1.81
N GLY A 132 1.57 3.44 0.72
CA GLY A 132 1.21 2.16 0.13
C GLY A 132 2.53 1.54 -0.33
N LEU A 133 3.33 2.32 -1.07
CA LEU A 133 4.57 1.81 -1.60
C LEU A 133 5.60 1.52 -0.50
N VAL A 134 5.82 2.49 0.38
CA VAL A 134 6.84 2.36 1.43
C VAL A 134 6.44 1.22 2.39
N MET A 135 5.20 1.21 2.84
CA MET A 135 4.83 0.18 3.83
C MET A 135 4.86 -1.24 3.23
N THR A 136 4.44 -1.37 1.97
CA THR A 136 4.52 -2.65 1.28
C THR A 136 6.00 -3.07 1.17
N THR A 137 6.86 -2.10 0.88
CA THR A 137 8.27 -2.40 0.70
C THR A 137 8.94 -2.85 2.01
N ILE A 138 8.66 -2.15 3.11
CA ILE A 138 9.21 -2.56 4.42
C ILE A 138 8.69 -3.95 4.80
N SER A 139 7.37 -4.12 4.73
CA SER A 139 6.71 -5.33 5.20
C SER A 139 7.12 -6.59 4.45
N SER A 140 7.52 -6.42 3.18
CA SER A 140 7.93 -7.54 2.33
C SER A 140 9.45 -7.66 2.21
N SER A 141 10.18 -6.90 3.03
CA SER A 141 11.64 -6.87 2.97
C SER A 141 12.21 -8.17 3.52
N LYS A 142 13.44 -8.48 3.14
CA LYS A 142 14.10 -9.70 3.62
C LYS A 142 14.18 -9.67 5.14
N ASP A 143 14.38 -8.47 5.71
CA ASP A 143 14.38 -8.31 7.17
C ASP A 143 13.09 -8.85 7.82
N CYS A 144 11.95 -8.61 7.16
CA CYS A 144 10.66 -9.02 7.71
C CYS A 144 10.24 -10.42 7.33
N MET A 145 10.72 -10.89 6.19
CA MET A 145 10.29 -12.15 5.69
C MET A 145 11.37 -13.12 6.16
N GLY A 146 11.14 -13.70 7.35
CA GLY A 146 12.05 -14.70 7.93
C GLY A 146 11.31 -15.93 8.44
N MET B 1 14.74 -9.41 -6.47
CA MET B 1 14.34 -10.85 -6.41
C MET B 1 13.01 -11.07 -7.12
N GLU B 2 12.77 -12.28 -7.61
CA GLU B 2 11.53 -12.52 -8.35
C GLU B 2 10.30 -12.25 -7.49
N ILE B 3 9.23 -11.78 -8.12
CA ILE B 3 7.99 -11.49 -7.39
C ILE B 3 7.45 -12.73 -6.68
N CYS B 4 6.81 -12.53 -5.53
CA CYS B 4 6.10 -13.63 -4.90
C CYS B 4 5.06 -14.21 -5.85
N PRO B 5 5.08 -15.53 -6.09
CA PRO B 5 4.06 -16.10 -7.00
C PRO B 5 2.59 -15.75 -6.64
N ALA B 6 2.25 -15.70 -5.35
CA ALA B 6 0.90 -15.29 -4.95
C ALA B 6 0.50 -13.87 -5.43
N VAL B 7 1.47 -12.98 -5.50
CA VAL B 7 1.24 -11.61 -6.01
C VAL B 7 1.01 -11.66 -7.52
N LYS B 8 1.90 -12.34 -8.24
CA LYS B 8 1.69 -12.58 -9.67
C LYS B 8 0.28 -13.17 -9.98
N ARG B 9 -0.11 -14.18 -9.19
CA ARG B 9 -1.41 -14.85 -9.32
C ARG B 9 -2.57 -13.88 -9.10
N ASP B 10 -2.47 -13.04 -8.08
CA ASP B 10 -3.51 -12.04 -7.81
C ASP B 10 -3.69 -11.10 -9.00
N VAL B 11 -2.59 -10.63 -9.57
CA VAL B 11 -2.67 -9.69 -10.65
C VAL B 11 -3.25 -10.37 -11.91
N ASP B 12 -2.82 -11.60 -12.15
CA ASP B 12 -3.33 -12.38 -13.28
C ASP B 12 -4.84 -12.56 -13.16
N LEU B 13 -5.29 -12.97 -11.97
CA LEU B 13 -6.73 -13.12 -11.72
C LEU B 13 -7.48 -11.80 -11.87
N PHE B 14 -6.89 -10.70 -11.38
CA PHE B 14 -7.46 -9.37 -11.58
C PHE B 14 -7.76 -9.11 -13.05
N LEU B 15 -6.82 -9.45 -13.91
CA LEU B 15 -6.99 -9.20 -15.33
C LEU B 15 -7.87 -10.22 -16.05
N THR B 16 -7.76 -11.50 -15.66
CA THR B 16 -8.30 -12.58 -16.52
C THR B 16 -9.39 -13.44 -15.89
N GLY B 17 -9.59 -13.29 -14.58
CA GLY B 17 -10.62 -14.05 -13.89
C GLY B 17 -11.99 -13.40 -14.06
N THR B 18 -13.02 -14.09 -13.60
CA THR B 18 -14.35 -13.48 -13.51
C THR B 18 -14.31 -12.53 -12.30
N PRO B 19 -15.21 -11.52 -12.25
CA PRO B 19 -15.28 -10.70 -11.04
C PRO B 19 -15.45 -11.52 -9.74
N ASP B 20 -16.33 -12.51 -9.76
CA ASP B 20 -16.57 -13.30 -8.55
C ASP B 20 -15.29 -14.03 -8.11
N GLU B 21 -14.57 -14.60 -9.06
CA GLU B 21 -13.32 -15.31 -8.77
C GLU B 21 -12.25 -14.39 -8.18
N TYR B 22 -12.11 -13.21 -8.77
CA TYR B 22 -11.14 -12.23 -8.27
C TYR B 22 -11.49 -11.75 -6.84
N VAL B 23 -12.73 -11.30 -6.63
CA VAL B 23 -13.13 -10.82 -5.30
C VAL B 23 -13.04 -11.92 -4.24
N GLU B 24 -13.48 -13.14 -4.57
CA GLU B 24 -13.38 -14.26 -3.61
C GLU B 24 -11.92 -14.52 -3.20
N GLN B 25 -10.98 -14.39 -4.16
CA GLN B 25 -9.54 -14.52 -3.89
C GLN B 25 -9.03 -13.35 -3.03
N VAL B 26 -9.49 -12.14 -3.34
CA VAL B 26 -9.08 -10.97 -2.50
C VAL B 26 -9.53 -11.20 -1.04
N ALA B 27 -10.76 -11.68 -0.88
CA ALA B 27 -11.38 -11.93 0.42
C ALA B 27 -10.56 -12.88 1.32
N GLN B 28 -9.82 -13.80 0.70
CA GLN B 28 -8.96 -14.74 1.45
C GLN B 28 -7.84 -14.02 2.16
N TYR B 29 -7.44 -12.87 1.61
CA TYR B 29 -6.41 -12.03 2.21
C TYR B 29 -6.95 -10.95 3.14
N LYS B 30 -8.03 -10.28 2.73
CA LYS B 30 -8.58 -9.13 3.47
C LYS B 30 -10.07 -9.05 3.18
N ALA B 31 -10.87 -9.44 4.17
CA ALA B 31 -12.31 -9.59 4.01
C ALA B 31 -13.14 -8.37 4.40
N LEU B 32 -12.51 -7.21 4.55
CA LEU B 32 -13.22 -5.97 4.93
C LEU B 32 -14.25 -5.59 3.85
N PRO B 33 -15.52 -5.41 4.23
CA PRO B 33 -16.52 -5.00 3.23
C PRO B 33 -16.06 -3.90 2.26
N VAL B 34 -15.43 -2.83 2.75
CA VAL B 34 -14.98 -1.75 1.85
C VAL B 34 -13.94 -2.24 0.84
N VAL B 35 -13.07 -3.17 1.28
CA VAL B 35 -12.05 -3.72 0.38
C VAL B 35 -12.71 -4.54 -0.74
N LEU B 36 -13.66 -5.39 -0.38
CA LEU B 36 -14.36 -6.21 -1.38
C LEU B 36 -15.25 -5.38 -2.29
N GLU B 37 -15.86 -4.33 -1.76
CA GLU B 37 -16.66 -3.42 -2.58
C GLU B 37 -15.77 -2.76 -3.64
N ASN B 38 -14.64 -2.21 -3.18
CA ASN B 38 -13.70 -1.53 -4.06
C ASN B 38 -13.07 -2.46 -5.06
N ALA B 39 -12.75 -3.67 -4.62
CA ALA B 39 -12.13 -4.65 -5.51
C ALA B 39 -13.08 -4.94 -6.66
N ARG B 40 -14.38 -5.10 -6.34
CA ARG B 40 -15.37 -5.39 -7.38
C ARG B 40 -15.56 -4.24 -8.37
N ILE B 41 -15.64 -3.01 -7.85
CA ILE B 41 -15.78 -1.82 -8.72
C ILE B 41 -14.59 -1.78 -9.68
N LEU B 42 -13.40 -1.95 -9.12
CA LEU B 42 -12.17 -1.84 -9.90
C LEU B 42 -12.14 -2.92 -10.99
N LYS B 43 -12.52 -4.13 -10.60
CA LYS B 43 -12.52 -5.29 -11.51
C LYS B 43 -13.53 -5.09 -12.66
N ASN B 44 -14.74 -4.71 -12.29
CA ASN B 44 -15.76 -4.41 -13.33
C ASN B 44 -15.29 -3.32 -14.29
N CYS B 45 -14.58 -2.33 -13.76
CA CYS B 45 -14.08 -1.22 -14.56
C CYS B 45 -13.02 -1.74 -15.53
N VAL B 46 -12.06 -2.51 -15.05
CA VAL B 46 -11.05 -3.01 -15.99
C VAL B 46 -11.62 -3.94 -17.03
N ASP B 47 -12.57 -4.79 -16.62
CA ASP B 47 -13.19 -5.71 -17.58
C ASP B 47 -13.90 -4.94 -18.68
N ALA B 48 -14.56 -3.84 -18.33
CA ALA B 48 -15.34 -3.09 -19.34
C ALA B 48 -14.47 -2.19 -20.22
N LYS B 49 -13.40 -1.63 -19.64
CA LYS B 49 -12.57 -0.65 -20.32
C LYS B 49 -11.55 -1.32 -21.23
N MET B 50 -11.07 -2.49 -20.80
CA MET B 50 -10.01 -3.18 -21.51
C MET B 50 -10.55 -4.23 -22.51
N THR B 51 -10.12 -4.08 -23.77
CA THR B 51 -10.38 -5.12 -24.77
C THR B 51 -9.52 -6.37 -24.47
N GLU B 52 -9.80 -7.46 -25.18
CA GLU B 52 -8.97 -8.67 -25.06
C GLU B 52 -7.52 -8.29 -25.42
N GLU B 53 -7.37 -7.46 -26.45
CA GLU B 53 -6.06 -6.98 -26.92
C GLU B 53 -5.36 -6.17 -25.81
N ASP B 54 -6.11 -5.27 -25.17
CA ASP B 54 -5.56 -4.50 -24.03
C ASP B 54 -5.06 -5.43 -22.94
N LYS B 55 -5.86 -6.45 -22.60
CA LYS B 55 -5.49 -7.37 -21.53
C LYS B 55 -4.24 -8.15 -21.91
N GLU B 56 -4.16 -8.58 -23.16
CA GLU B 56 -2.94 -9.24 -23.64
C GLU B 56 -1.71 -8.35 -23.55
N ASN B 57 -1.88 -7.07 -23.89
CA ASN B 57 -0.78 -6.11 -23.83
C ASN B 57 -0.37 -5.84 -22.37
N ALA B 58 -1.35 -5.81 -21.45
CA ALA B 58 -1.02 -5.69 -20.03
C ALA B 58 -0.25 -6.89 -19.52
N LEU B 59 -0.70 -8.11 -19.90
CA LEU B 59 0.01 -9.34 -19.52
C LEU B 59 1.43 -9.35 -20.08
N SER B 60 1.62 -8.84 -21.30
CA SER B 60 2.94 -8.77 -21.93
C SER B 60 3.86 -7.81 -21.15
N LEU B 61 3.31 -6.66 -20.80
CA LEU B 61 4.02 -5.67 -20.01
C LEU B 61 4.41 -6.23 -18.64
N LEU B 62 3.47 -6.88 -17.95
CA LEU B 62 3.79 -7.47 -16.65
C LEU B 62 4.95 -8.46 -16.78
N ASP B 63 4.94 -9.26 -17.83
CA ASP B 63 6.03 -10.21 -18.09
CA ASP B 63 6.04 -10.18 -18.04
C ASP B 63 7.38 -9.49 -18.20
N LYS B 64 7.39 -8.35 -18.89
CA LYS B 64 8.60 -7.51 -18.98
C LYS B 64 9.04 -7.07 -17.59
N ILE B 65 8.06 -6.66 -16.78
CA ILE B 65 8.34 -6.33 -15.38
C ILE B 65 8.94 -7.52 -14.62
N TYR B 66 8.27 -8.68 -14.66
CA TYR B 66 8.69 -9.84 -13.88
C TYR B 66 10.06 -10.40 -14.27
N THR B 67 10.50 -10.10 -15.49
CA THR B 67 11.79 -10.63 -16.01
C THR B 67 12.90 -9.57 -16.08
N SER B 68 12.55 -8.32 -15.77
CA SER B 68 13.48 -7.20 -15.77
C SER B 68 14.56 -7.38 -14.69
N PRO B 69 15.81 -6.98 -14.99
CA PRO B 69 16.84 -6.92 -13.94
C PRO B 69 16.45 -6.00 -12.80
N LEU B 70 15.59 -5.01 -13.08
CA LEU B 70 15.12 -4.06 -12.08
C LEU B 70 14.10 -4.73 -11.15
N CYS B 71 13.75 -5.96 -11.49
CA CYS B 71 12.91 -6.79 -10.65
C CYS B 71 13.76 -7.88 -10.01
N VAL B 72 14.34 -8.74 -10.85
CA VAL B 72 14.98 -9.97 -10.41
C VAL B 72 16.32 -9.79 -9.72
N LYS B 73 17.19 -8.94 -10.26
CA LYS B 73 18.57 -8.86 -9.74
C LYS B 73 18.71 -8.04 -8.44
N MET B 74 17.62 -7.40 -8.04
CA MET B 74 17.63 -6.51 -6.90
C MET B 74 17.61 -7.33 -5.61
N ALA B 75 18.10 -6.73 -4.53
CA ALA B 75 18.18 -7.42 -3.26
C ALA B 75 16.81 -7.79 -2.68
N GLU B 76 15.84 -6.90 -2.90
CA GLU B 76 14.48 -7.06 -2.36
C GLU B 76 13.48 -7.51 -3.44
N THR B 77 12.27 -7.86 -3.02
CA THR B 77 11.31 -8.42 -3.96
C THR B 77 10.90 -7.41 -5.06
N CYS B 78 11.02 -7.85 -6.31
CA CYS B 78 10.60 -7.15 -7.54
C CYS B 78 10.25 -5.65 -7.38
N PRO B 79 11.26 -4.81 -7.12
CA PRO B 79 10.97 -3.41 -6.73
C PRO B 79 10.21 -2.65 -7.82
N ILE B 80 10.58 -2.87 -9.08
CA ILE B 80 9.94 -2.16 -10.20
C ILE B 80 8.43 -2.49 -10.29
N PHE B 81 8.04 -3.70 -9.92
CA PHE B 81 6.61 -4.05 -9.89
C PHE B 81 5.88 -3.15 -8.92
N TYR B 82 6.39 -3.06 -7.69
CA TYR B 82 5.72 -2.22 -6.71
C TYR B 82 5.65 -0.74 -7.11
N ASP B 83 6.71 -0.21 -7.71
CA ASP B 83 6.68 1.16 -8.23
C ASP B 83 5.56 1.34 -9.25
N VAL B 84 5.47 0.40 -10.18
CA VAL B 84 4.43 0.45 -11.21
C VAL B 84 3.05 0.35 -10.54
N PHE B 85 2.88 -0.65 -9.70
CA PHE B 85 1.58 -0.89 -9.07
C PHE B 85 1.09 0.34 -8.32
N PHE B 86 1.95 0.94 -7.48
CA PHE B 86 1.51 2.09 -6.70
C PHE B 86 1.33 3.40 -7.49
N ALA B 87 2.07 3.54 -8.59
CA ALA B 87 1.84 4.62 -9.54
C ALA B 87 0.47 4.43 -10.19
N VAL B 88 0.15 3.19 -10.56
CA VAL B 88 -1.20 2.87 -11.07
C VAL B 88 -2.28 3.21 -10.03
N ALA B 89 -2.12 2.72 -8.80
CA ALA B 89 -3.18 2.81 -7.77
C ALA B 89 -3.45 4.23 -7.30
N ASN B 90 -2.48 5.13 -7.54
CA ASN B 90 -2.57 6.50 -7.06
C ASN B 90 -2.71 7.50 -8.20
N GLY B 91 -2.85 6.98 -9.41
CA GLY B 91 -3.07 7.82 -10.59
C GLY B 91 -1.88 8.72 -10.90
N ASN B 92 -0.68 8.31 -10.54
CA ASN B 92 0.48 9.12 -10.88
C ASN B 92 0.92 8.72 -12.27
N GLU B 93 0.51 9.49 -13.28
CA GLU B 93 0.83 9.14 -14.67
C GLU B 93 2.33 9.34 -14.98
N LEU B 94 2.92 10.37 -14.39
CA LEU B 94 4.33 10.68 -14.59
C LEU B 94 5.19 9.52 -14.12
N LEU B 95 4.97 9.08 -12.89
CA LEU B 95 5.74 7.99 -12.33
C LEU B 95 5.47 6.68 -13.07
N LEU B 96 4.22 6.46 -13.45
CA LEU B 96 3.90 5.28 -14.24
C LEU B 96 4.68 5.28 -15.57
N ASP B 97 4.64 6.39 -16.30
CA ASP B 97 5.40 6.50 -17.53
C ASP B 97 6.91 6.25 -17.34
N LEU B 98 7.49 6.83 -16.27
CA LEU B 98 8.92 6.71 -16.01
C LEU B 98 9.27 5.25 -15.81
N SER B 99 8.41 4.55 -15.08
CA SER B 99 8.66 3.15 -14.76
C SER B 99 8.50 2.24 -15.98
N LEU B 100 7.52 2.56 -16.83
CA LEU B 100 7.28 1.76 -18.02
C LEU B 100 8.42 1.84 -19.02
N THR B 101 9.01 3.02 -19.14
CA THR B 101 10.14 3.21 -20.04
C THR B 101 11.26 2.28 -19.60
N LYS B 102 11.41 2.14 -18.29
CA LYS B 102 12.50 1.31 -17.74
C LYS B 102 12.39 -0.15 -18.14
N VAL B 103 11.18 -0.61 -18.44
CA VAL B 103 10.96 -2.00 -18.84
C VAL B 103 10.68 -2.13 -20.34
N ASN B 104 10.99 -1.09 -21.10
CA ASN B 104 10.88 -1.11 -22.55
C ASN B 104 9.45 -1.35 -23.06
N ALA B 105 8.48 -0.73 -22.39
CA ALA B 105 7.08 -0.79 -22.79
C ALA B 105 6.86 -0.30 -24.22
N THR B 106 6.03 -1.02 -24.96
CA THR B 106 5.55 -0.53 -26.25
C THR B 106 4.40 0.46 -26.02
N GLU B 107 4.04 1.22 -27.05
CA GLU B 107 2.88 2.10 -26.93
C GLU B 107 1.57 1.38 -26.53
N PRO B 108 1.22 0.25 -27.21
CA PRO B 108 -0.03 -0.43 -26.80
C PRO B 108 0.04 -0.94 -25.35
N GLU B 109 1.21 -1.39 -24.94
CA GLU B 109 1.42 -1.73 -23.51
C GLU B 109 1.23 -0.55 -22.56
N ARG B 110 1.79 0.61 -22.87
CA ARG B 110 1.50 1.83 -22.07
C ARG B 110 0.01 2.13 -22.04
N THR B 111 -0.64 2.05 -23.20
CA THR B 111 -2.07 2.27 -23.31
C THR B 111 -2.87 1.36 -22.38
N ALA B 112 -2.55 0.08 -22.37
CA ALA B 112 -3.23 -0.88 -21.52
C ALA B 112 -3.05 -0.57 -20.04
N MET B 113 -1.81 -0.29 -19.64
CA MET B 113 -1.57 0.02 -18.22
C MET B 113 -2.28 1.31 -17.78
N LYS B 114 -2.32 2.30 -18.68
CA LYS B 114 -3.04 3.55 -18.38
C LYS B 114 -4.52 3.32 -18.18
N LYS B 115 -5.09 2.34 -18.89
CA LYS B 115 -6.51 1.96 -18.69
C LYS B 115 -6.75 1.46 -17.26
N ILE B 116 -5.81 0.68 -16.74
CA ILE B 116 -5.93 0.22 -15.35
C ILE B 116 -5.88 1.42 -14.40
N GLN B 117 -4.90 2.29 -14.63
CA GLN B 117 -4.76 3.51 -13.84
C GLN B 117 -6.03 4.37 -13.93
N ASP B 118 -6.60 4.48 -15.13
CA ASP B 118 -7.85 5.21 -15.31
C ASP B 118 -8.99 4.66 -14.46
N CYS B 119 -9.02 3.33 -14.30
CA CYS B 119 -10.04 2.67 -13.46
C CYS B 119 -9.90 2.99 -11.98
N TYR B 120 -8.67 3.24 -11.52
CA TYR B 120 -8.46 3.77 -10.17
C TYR B 120 -8.93 5.22 -10.07
N VAL B 121 -8.67 6.00 -11.11
CA VAL B 121 -8.98 7.43 -11.08
C VAL B 121 -10.50 7.67 -11.21
N GLU B 122 -11.14 6.80 -11.99
CA GLU B 122 -12.54 6.93 -12.39
C GLU B 122 -13.47 7.00 -11.21
N ASN B 123 -14.37 7.99 -11.28
CA ASN B 123 -15.46 8.19 -10.32
C ASN B 123 -14.95 8.40 -8.89
N GLY B 124 -13.71 8.91 -8.79
CA GLY B 124 -13.07 9.19 -7.51
C GLY B 124 -12.65 7.97 -6.70
N LEU B 125 -12.50 6.82 -7.35
CA LEU B 125 -12.05 5.59 -6.67
C LEU B 125 -10.66 5.75 -6.00
N ILE B 126 -9.75 6.52 -6.60
CA ILE B 126 -8.43 6.81 -6.01
C ILE B 126 -8.54 7.45 -4.62
N SER B 127 -9.62 8.19 -4.39
CA SER B 127 -9.85 8.83 -3.08
C SER B 127 -10.33 7.82 -2.03
N ARG B 128 -10.88 6.70 -2.51
CA ARG B 128 -11.43 5.67 -1.65
C ARG B 128 -10.41 4.57 -1.31
N VAL B 129 -9.71 4.06 -2.33
CA VAL B 129 -8.92 2.82 -2.15
C VAL B 129 -7.95 2.91 -0.99
N LEU B 130 -7.86 1.80 -0.25
CA LEU B 130 -6.86 1.64 0.79
C LEU B 130 -5.62 1.03 0.14
N ASP B 131 -4.98 1.76 -0.77
CA ASP B 131 -3.94 1.16 -1.62
C ASP B 131 -2.77 0.80 -0.75
N GLY B 132 -2.38 -0.47 -0.88
CA GLY B 132 -1.37 -0.99 -0.03
C GLY B 132 -1.95 -2.07 0.84
N LEU B 133 -3.23 -1.96 1.24
CA LEU B 133 -3.75 -2.93 2.21
C LEU B 133 -3.72 -4.35 1.67
N VAL B 134 -4.40 -4.60 0.55
CA VAL B 134 -4.42 -5.94 -0.04
C VAL B 134 -3.00 -6.33 -0.46
N MET B 135 -2.30 -5.43 -1.16
CA MET B 135 -0.98 -5.78 -1.68
C MET B 135 0.01 -6.06 -0.54
N THR B 136 -0.05 -5.27 0.54
CA THR B 136 0.83 -5.52 1.71
C THR B 136 0.47 -6.89 2.29
N THR B 137 -0.83 -7.16 2.40
CA THR B 137 -1.28 -8.40 3.01
C THR B 137 -0.78 -9.63 2.20
N ILE B 138 -0.88 -9.57 0.88
CA ILE B 138 -0.41 -10.70 0.07
C ILE B 138 1.12 -10.78 0.20
N SER B 139 1.79 -9.64 0.01
CA SER B 139 3.27 -9.61 -0.11
C SER B 139 4.02 -9.99 1.16
N SER B 140 3.37 -9.82 2.30
CA SER B 140 3.98 -10.07 3.60
C SER B 140 3.43 -11.39 4.17
N SER B 141 2.71 -12.15 3.34
CA SER B 141 2.06 -13.38 3.83
C SER B 141 3.10 -14.50 3.97
N LYS B 142 2.79 -15.48 4.81
CA LYS B 142 3.64 -16.66 4.97
C LYS B 142 3.97 -17.33 3.62
N ASP B 143 2.97 -17.40 2.74
CA ASP B 143 3.15 -17.96 1.39
C ASP B 143 4.26 -17.24 0.60
N CYS B 144 4.50 -15.98 0.95
CA CYS B 144 5.49 -15.17 0.25
C CYS B 144 6.90 -15.19 0.89
N MET B 145 7.04 -15.96 1.96
CA MET B 145 8.36 -16.20 2.59
C MET B 145 9.14 -17.29 1.86
#